data_6Y17
#
_entry.id   6Y17
#
_cell.length_a   39.460
_cell.length_b   47.303
_cell.length_c   59.781
_cell.angle_alpha   95.865
_cell.angle_beta   95.600
_cell.angle_gamma   94.205
#
_symmetry.space_group_name_H-M   'P 1'
#
loop_
_entity.id
_entity.type
_entity.pdbx_description
1 polymer 'Nuclear receptor corepressor 1,B-cell lymphoma 6 protein'
2 polymer 'Nebulin,Nuclear receptor corepressor 1'
3 non-polymer 'SODIUM ION'
4 water water
#
loop_
_entity_poly.entity_id
_entity_poly.type
_entity_poly.pdbx_seq_one_letter_code
_entity_poly.pdbx_strand_id
1 'polypeptide(L)'
;GPSSDLYLRPGGGDSQIQFTRHASDVLLNLNRLRSRDILTDVVIVVSREQFRAHKTVLMACSGLFYSIFTDQLKRNLSVI
NLDPEINPEGFNILLDFMYTSRLNLREGNIMAVMATAMYLQMEHVVDTCRKFIKASE
;
A,B
2 'polypeptide(L)'
;GPTAGKIFRAMYDYMAADADEVSFKDGDAIINVQAIDEGWMYGTVQRTGRTGMLPANYVEAIGGGGITTIKEMGRSIHEI
PR
;
C,D
#
loop_
_chem_comp.id
_chem_comp.type
_chem_comp.name
_chem_comp.formula
NA non-polymer 'SODIUM ION' 'Na 1'
#
# COMPACT_ATOMS: atom_id res chain seq x y z
N LEU A 8 -15.83 -19.07 10.41
CA LEU A 8 -16.15 -20.48 10.65
C LEU A 8 -15.09 -21.37 10.01
N ARG A 9 -14.81 -22.49 10.66
CA ARG A 9 -13.72 -23.38 10.24
C ARG A 9 -13.94 -24.73 10.90
N PRO A 10 -13.33 -25.78 10.36
CA PRO A 10 -13.34 -27.06 11.07
C PRO A 10 -12.49 -26.99 12.33
N GLY A 11 -12.82 -27.84 13.31
CA GLY A 11 -12.06 -27.90 14.53
C GLY A 11 -10.66 -28.43 14.33
N GLY A 12 -10.47 -29.28 13.31
CA GLY A 12 -9.17 -29.75 12.90
C GLY A 12 -8.69 -29.04 11.65
N GLY A 13 -7.59 -29.54 11.10
CA GLY A 13 -7.09 -29.03 9.85
C GLY A 13 -6.30 -27.73 10.02
N ASP A 14 -5.59 -27.38 8.95
CA ASP A 14 -4.70 -26.22 8.97
C ASP A 14 -5.35 -24.99 8.37
N SER A 15 -4.90 -23.81 8.81
CA SER A 15 -5.47 -22.55 8.35
C SER A 15 -4.34 -21.56 8.10
N GLN A 16 -4.63 -20.61 7.22
CA GLN A 16 -3.76 -19.47 6.98
C GLN A 16 -4.61 -18.21 6.98
N ILE A 17 -4.28 -17.26 7.85
CA ILE A 17 -4.96 -15.98 7.85
C ILE A 17 -4.13 -15.01 7.01
N GLN A 18 -4.78 -14.37 6.05
CA GLN A 18 -4.12 -13.41 5.16
C GLN A 18 -4.63 -12.02 5.50
N PHE A 19 -3.70 -11.13 5.89
CA PHE A 19 -4.03 -9.78 6.36
C PHE A 19 -3.87 -8.84 5.17
N THR A 20 -5.01 -8.44 4.61
CA THR A 20 -5.00 -7.75 3.31
C THR A 20 -4.44 -6.33 3.36
N ARG A 21 -4.39 -5.68 4.51
CA ARG A 21 -3.80 -4.35 4.58
C ARG A 21 -2.51 -4.33 5.37
N HIS A 22 -1.97 -5.51 5.71
CA HIS A 22 -0.70 -5.57 6.45
C HIS A 22 0.44 -4.86 5.72
N ALA A 23 0.60 -5.12 4.42
CA ALA A 23 1.73 -4.53 3.73
C ALA A 23 1.65 -3.00 3.74
N SER A 24 0.45 -2.46 3.51
CA SER A 24 0.32 -1.02 3.57
CA SER A 24 0.28 -1.02 3.57
C SER A 24 0.54 -0.48 4.98
N ASP A 25 0.10 -1.24 6.01
CA ASP A 25 0.35 -0.81 7.37
C ASP A 25 1.85 -0.79 7.68
N VAL A 26 2.59 -1.79 7.18
CA VAL A 26 4.04 -1.81 7.36
C VAL A 26 4.67 -0.60 6.70
N LEU A 27 4.31 -0.35 5.43
CA LEU A 27 4.93 0.76 4.70
C LEU A 27 4.65 2.08 5.39
N LEU A 28 3.41 2.29 5.90
CA LEU A 28 3.10 3.52 6.61
C LEU A 28 4.02 3.69 7.83
N ASN A 29 4.22 2.60 8.58
CA ASN A 29 5.10 2.66 9.73
C ASN A 29 6.55 2.91 9.32
N LEU A 30 7.00 2.34 8.18
CA LEU A 30 8.35 2.66 7.71
C LEU A 30 8.45 4.14 7.37
N ASN A 31 7.41 4.71 6.79
CA ASN A 31 7.45 6.14 6.48
C ASN A 31 7.46 6.97 7.75
N ARG A 32 6.72 6.53 8.77
CA ARG A 32 6.72 7.26 10.04
C ARG A 32 8.11 7.21 10.68
N LEU A 33 8.76 6.06 10.64
CA LEU A 33 10.13 5.98 11.12
C LEU A 33 11.04 6.91 10.32
N ARG A 34 10.84 7.00 9.01
CA ARG A 34 11.67 7.92 8.22
C ARG A 34 11.45 9.36 8.66
N SER A 35 10.18 9.77 8.80
CA SER A 35 9.85 11.15 9.17
C SER A 35 10.42 11.53 10.52
N ARG A 36 10.60 10.57 11.42
CA ARG A 36 11.15 10.81 12.73
C ARG A 36 12.64 10.52 12.83
N ASP A 37 13.28 10.12 11.71
CA ASP A 37 14.71 9.84 11.66
C ASP A 37 15.08 8.69 12.59
N ILE A 38 14.21 7.69 12.63
CA ILE A 38 14.46 6.51 13.46
C ILE A 38 15.02 5.37 12.59
N LEU A 39 16.21 4.87 12.97
CA LEU A 39 16.93 3.78 12.29
C LEU A 39 17.24 4.09 10.84
N THR A 40 17.10 5.34 10.39
CA THR A 40 17.63 5.68 9.08
C THR A 40 19.13 5.47 9.09
N ASP A 41 19.64 4.89 8.01
CA ASP A 41 21.03 4.46 8.00
C ASP A 41 21.75 4.96 6.77
N VAL A 42 21.14 5.81 5.96
CA VAL A 42 21.83 6.39 4.81
C VAL A 42 21.29 7.79 4.58
N VAL A 43 22.14 8.64 4.03
CA VAL A 43 21.75 9.95 3.55
C VAL A 43 22.11 10.01 2.07
N ILE A 44 21.14 10.37 1.25
CA ILE A 44 21.36 10.55 -0.19
C ILE A 44 21.47 12.04 -0.46
N VAL A 45 22.55 12.44 -1.13
CA VAL A 45 22.82 13.85 -1.42
C VAL A 45 22.56 14.08 -2.90
N VAL A 46 21.68 15.03 -3.20
CA VAL A 46 21.24 15.31 -4.58
C VAL A 46 21.38 16.81 -4.75
N SER A 47 22.42 17.23 -5.44
CA SER A 47 22.82 18.65 -5.54
C SER A 47 22.88 19.29 -4.16
N ARG A 48 22.09 20.33 -3.93
CA ARG A 48 22.17 21.05 -2.66
C ARG A 48 21.38 20.40 -1.54
N GLU A 49 20.80 19.22 -1.74
CA GLU A 49 19.77 18.72 -0.84
C GLU A 49 20.14 17.34 -0.34
N GLN A 50 19.70 17.02 0.87
CA GLN A 50 20.02 15.77 1.55
C GLN A 50 18.75 15.07 1.95
N PHE A 51 18.72 13.74 1.79
CA PHE A 51 17.53 12.95 2.11
C PHE A 51 17.92 11.76 2.95
N ARG A 52 17.35 11.63 4.15
CA ARG A 52 17.56 10.45 4.99
C ARG A 52 16.61 9.32 4.61
N ALA A 53 17.10 8.08 4.70
CA ALA A 53 16.31 6.94 4.28
C ALA A 53 16.85 5.67 4.93
N HIS A 54 16.10 4.59 4.73
CA HIS A 54 16.51 3.24 5.11
C HIS A 54 17.03 2.54 3.86
N LYS A 55 18.23 1.98 3.97
CA LYS A 55 18.78 1.23 2.83
C LYS A 55 17.87 0.12 2.34
N THR A 56 17.19 -0.60 3.26
CA THR A 56 16.37 -1.72 2.83
C THR A 56 15.23 -1.25 1.94
N VAL A 57 14.65 -0.08 2.22
CA VAL A 57 13.56 0.42 1.38
C VAL A 57 14.11 0.87 0.03
N LEU A 58 15.26 1.56 0.05
CA LEU A 58 15.86 1.96 -1.23
C LEU A 58 16.14 0.76 -2.12
N MET A 59 16.74 -0.29 -1.53
CA MET A 59 17.10 -1.49 -2.30
C MET A 59 15.85 -2.21 -2.80
N ALA A 60 14.80 -2.20 -1.98
CA ALA A 60 13.54 -2.81 -2.39
C ALA A 60 12.95 -2.12 -3.62
N CYS A 61 13.23 -0.81 -3.81
CA CYS A 61 12.52 -0.08 -4.83
C CYS A 61 13.37 0.28 -6.05
N SER A 62 14.70 0.27 -5.92
CA SER A 62 15.57 0.81 -6.96
C SER A 62 16.65 -0.19 -7.34
N GLY A 63 16.76 -0.48 -8.64
CA GLY A 63 17.85 -1.32 -9.10
C GLY A 63 19.21 -0.70 -8.83
N LEU A 64 19.29 0.63 -8.90
CA LEU A 64 20.57 1.27 -8.65
C LEU A 64 20.99 1.10 -7.20
N PHE A 65 20.04 1.33 -6.27
CA PHE A 65 20.43 1.20 -4.88
C PHE A 65 20.61 -0.26 -4.49
N TYR A 66 19.85 -1.18 -5.11
CA TYR A 66 20.09 -2.59 -4.89
C TYR A 66 21.53 -2.96 -5.24
N SER A 67 22.01 -2.50 -6.40
CA SER A 67 23.37 -2.81 -6.85
C SER A 67 24.42 -2.24 -5.93
N ILE A 68 24.18 -1.01 -5.44
CA ILE A 68 25.14 -0.36 -4.56
C ILE A 68 25.24 -1.10 -3.25
N PHE A 69 24.10 -1.40 -2.63
CA PHE A 69 24.16 -1.90 -1.26
C PHE A 69 24.40 -3.40 -1.18
N THR A 70 24.39 -4.11 -2.31
CA THR A 70 24.86 -5.48 -2.32
C THR A 70 26.31 -5.63 -2.76
N ASP A 71 26.96 -4.54 -3.16
CA ASP A 71 28.38 -4.54 -3.47
C ASP A 71 29.17 -4.66 -2.17
N GLN A 72 30.03 -5.68 -2.08
CA GLN A 72 30.69 -6.00 -0.82
C GLN A 72 31.42 -4.79 -0.26
N LEU A 73 32.02 -3.98 -1.13
CA LEU A 73 32.77 -2.80 -0.71
C LEU A 73 31.96 -1.50 -0.74
N LYS A 74 30.64 -1.57 -0.89
CA LYS A 74 29.81 -0.37 -0.72
C LYS A 74 28.66 -0.52 0.26
N ARG A 75 28.44 -1.71 0.84
CA ARG A 75 27.24 -1.95 1.63
C ARG A 75 27.14 -1.03 2.84
N ASN A 76 28.28 -0.59 3.37
CA ASN A 76 28.34 0.17 4.62
C ASN A 76 28.59 1.66 4.39
N LEU A 77 28.55 2.14 3.15
CA LEU A 77 28.54 3.58 2.91
C LEU A 77 27.31 4.18 3.58
N SER A 78 27.49 5.32 4.22
CA SER A 78 26.36 5.93 4.89
C SER A 78 25.93 7.22 4.21
N VAL A 79 26.73 7.76 3.28
CA VAL A 79 26.39 8.99 2.59
C VAL A 79 26.68 8.77 1.12
N ILE A 80 25.68 8.95 0.28
CA ILE A 80 25.85 8.71 -1.16
C ILE A 80 25.45 9.96 -1.92
N ASN A 81 26.39 10.49 -2.72
CA ASN A 81 26.12 11.59 -3.64
C ASN A 81 25.60 11.03 -4.96
N LEU A 82 24.46 11.52 -5.44
CA LEU A 82 24.05 11.09 -6.77
C LEU A 82 24.76 11.93 -7.83
N ASP A 83 24.69 11.48 -9.09
CA ASP A 83 25.35 12.21 -10.17
C ASP A 83 24.83 13.65 -10.26
N PRO A 84 25.65 14.58 -10.77
CA PRO A 84 25.31 16.00 -10.65
C PRO A 84 24.10 16.44 -11.46
N GLU A 85 23.74 15.71 -12.51
CA GLU A 85 22.57 16.12 -13.26
C GLU A 85 21.26 15.73 -12.57
N ILE A 86 21.29 14.94 -11.49
CA ILE A 86 20.05 14.45 -10.91
C ILE A 86 19.36 15.59 -10.18
N ASN A 87 18.08 15.73 -10.44
CA ASN A 87 17.26 16.82 -9.98
C ASN A 87 16.68 16.45 -8.62
N PRO A 88 16.88 17.27 -7.57
CA PRO A 88 16.42 16.86 -6.23
C PRO A 88 14.90 16.83 -6.09
N GLU A 89 14.17 17.68 -6.80
CA GLU A 89 12.73 17.57 -6.76
C GLU A 89 12.28 16.22 -7.28
N GLY A 90 12.85 15.80 -8.41
CA GLY A 90 12.53 14.48 -8.93
C GLY A 90 12.88 13.37 -7.94
N PHE A 91 14.04 13.49 -7.28
CA PHE A 91 14.43 12.44 -6.32
C PHE A 91 13.47 12.42 -5.13
N ASN A 92 13.10 13.60 -4.61
CA ASN A 92 12.18 13.65 -3.48
C ASN A 92 10.83 13.00 -3.83
N ILE A 93 10.33 13.28 -5.02
CA ILE A 93 9.08 12.66 -5.47
C ILE A 93 9.22 11.14 -5.51
N LEU A 94 10.35 10.65 -6.00
CA LEU A 94 10.52 9.20 -6.08
C LEU A 94 10.71 8.57 -4.70
N LEU A 95 11.43 9.25 -3.81
CA LEU A 95 11.58 8.78 -2.44
C LEU A 95 10.23 8.71 -1.74
N ASP A 96 9.41 9.75 -1.88
CA ASP A 96 8.05 9.72 -1.31
C ASP A 96 7.25 8.54 -1.88
N PHE A 97 7.34 8.32 -3.19
CA PHE A 97 6.66 7.16 -3.78
C PHE A 97 7.10 5.86 -3.11
N MET A 98 8.41 5.68 -2.94
CA MET A 98 8.91 4.45 -2.34
C MET A 98 8.24 4.18 -1.01
N TYR A 99 8.03 5.24 -0.22
CA TYR A 99 7.54 5.09 1.15
C TYR A 99 6.02 5.25 1.28
N THR A 100 5.30 5.61 0.22
CA THR A 100 3.88 5.88 0.30
C THR A 100 3.03 5.25 -0.77
N SER A 101 3.62 4.78 -1.87
N SER A 101 3.61 4.75 -1.86
CA SER A 101 2.98 4.20 -3.06
CA SER A 101 2.91 4.19 -3.02
C SER A 101 2.39 5.27 -3.96
C SER A 101 2.27 5.26 -3.89
N ARG A 102 2.53 6.55 -3.63
CA ARG A 102 1.92 7.64 -4.36
C ARG A 102 3.00 8.44 -5.09
N LEU A 103 2.84 8.58 -6.39
CA LEU A 103 3.78 9.31 -7.22
C LEU A 103 3.12 10.65 -7.55
N ASN A 104 3.61 11.74 -6.94
CA ASN A 104 2.98 13.05 -7.03
C ASN A 104 3.64 13.85 -8.15
N LEU A 105 2.89 14.12 -9.21
CA LEU A 105 3.40 14.66 -10.46
C LEU A 105 2.75 15.99 -10.79
N ARG A 106 3.53 16.86 -11.42
CA ARG A 106 3.01 18.06 -12.08
C ARG A 106 3.53 18.07 -13.51
N GLU A 107 2.82 18.74 -14.41
CA GLU A 107 3.31 18.81 -15.77
C GLU A 107 4.69 19.47 -15.83
N GLY A 108 4.98 20.35 -14.88
CA GLY A 108 6.28 21.00 -14.83
C GLY A 108 7.40 20.12 -14.31
N ASN A 109 7.11 19.01 -13.64
CA ASN A 109 8.19 18.19 -13.11
C ASN A 109 8.14 16.74 -13.57
N ILE A 110 7.18 16.36 -14.42
CA ILE A 110 7.07 14.98 -14.88
C ILE A 110 8.33 14.54 -15.64
N MET A 111 8.88 15.42 -16.49
CA MET A 111 10.12 15.06 -17.19
C MET A 111 11.25 14.78 -16.20
N ALA A 112 11.35 15.61 -15.15
CA ALA A 112 12.39 15.40 -14.15
C ALA A 112 12.16 14.11 -13.37
N VAL A 113 10.90 13.81 -13.01
CA VAL A 113 10.60 12.56 -12.34
C VAL A 113 11.00 11.38 -13.21
N MET A 114 10.61 11.41 -14.48
CA MET A 114 10.92 10.29 -15.37
C MET A 114 12.43 10.10 -15.50
N ALA A 115 13.17 11.20 -15.73
CA ALA A 115 14.62 11.10 -15.85
C ALA A 115 15.25 10.54 -14.59
N THR A 116 14.73 10.93 -13.42
CA THR A 116 15.27 10.43 -12.16
C THR A 116 14.95 8.95 -12.02
N ALA A 117 13.73 8.55 -12.41
CA ALA A 117 13.38 7.14 -12.32
C ALA A 117 14.24 6.30 -13.26
N MET A 118 14.57 6.83 -14.43
CA MET A 118 15.50 6.12 -15.32
C MET A 118 16.85 5.95 -14.64
N TYR A 119 17.36 7.02 -14.04
CA TYR A 119 18.64 6.96 -13.36
C TYR A 119 18.63 5.91 -12.24
N LEU A 120 17.59 5.91 -11.42
CA LEU A 120 17.45 4.96 -10.30
C LEU A 120 17.09 3.55 -10.75
N GLN A 121 16.94 3.31 -12.05
CA GLN A 121 16.49 2.02 -12.57
C GLN A 121 15.20 1.57 -11.88
N MET A 122 14.18 2.38 -12.10
CA MET A 122 12.84 2.07 -11.59
C MET A 122 11.94 1.96 -12.81
N GLU A 123 12.05 0.85 -13.54
CA GLU A 123 11.50 0.80 -14.88
C GLU A 123 9.98 0.82 -14.91
N HIS A 124 9.30 0.26 -13.90
CA HIS A 124 7.85 0.30 -13.89
C HIS A 124 7.33 1.72 -13.66
N VAL A 125 8.04 2.49 -12.84
CA VAL A 125 7.69 3.90 -12.70
C VAL A 125 7.93 4.66 -14.01
N VAL A 126 9.05 4.39 -14.68
CA VAL A 126 9.29 4.98 -16.00
C VAL A 126 8.14 4.64 -16.94
N ASP A 127 7.72 3.35 -16.94
CA ASP A 127 6.67 2.93 -17.86
C ASP A 127 5.37 3.65 -17.57
N THR A 128 5.07 3.87 -16.28
CA THR A 128 3.86 4.59 -15.88
C THR A 128 3.92 6.05 -16.30
N CYS A 129 5.10 6.65 -16.21
CA CYS A 129 5.30 8.03 -16.65
C CYS A 129 5.11 8.15 -18.15
N ARG A 130 5.59 7.15 -18.92
CA ARG A 130 5.43 7.19 -20.37
C ARG A 130 3.96 7.24 -20.75
N LYS A 131 3.15 6.39 -20.10
CA LYS A 131 1.72 6.34 -20.37
C LYS A 131 1.04 7.64 -19.97
N PHE A 132 1.48 8.22 -18.86
CA PHE A 132 0.92 9.48 -18.40
C PHE A 132 1.15 10.60 -19.39
N ILE A 133 2.32 10.64 -20.03
CA ILE A 133 2.69 11.75 -20.91
C ILE A 133 2.12 11.59 -22.31
N LYS A 134 2.03 10.38 -22.84
CA LYS A 134 1.85 10.19 -24.28
C LYS A 134 0.83 9.09 -24.54
N ALA A 135 -0.12 9.34 -25.43
CA ALA A 135 -1.02 8.28 -25.86
C ALA A 135 -0.30 7.37 -26.87
N SER A 136 -0.70 6.09 -26.89
CA SER A 136 -0.05 5.10 -27.74
C SER A 136 -0.98 3.92 -28.06
N GLY B 1 5.41 17.99 -38.75
CA GLY B 1 5.92 16.78 -38.16
C GLY B 1 4.80 15.80 -37.83
N PRO B 2 5.16 14.63 -37.32
CA PRO B 2 4.15 13.69 -36.87
C PRO B 2 3.36 14.29 -35.70
N SER B 3 2.29 13.59 -35.34
CA SER B 3 1.54 13.99 -34.15
C SER B 3 2.40 13.80 -32.91
N SER B 4 2.39 14.79 -32.01
CA SER B 4 3.18 14.64 -30.78
C SER B 4 2.57 13.57 -29.88
N ASP B 5 1.25 13.38 -29.96
CA ASP B 5 0.49 12.47 -29.11
C ASP B 5 0.66 12.78 -27.63
N LEU B 6 1.00 14.02 -27.28
CA LEU B 6 1.20 14.38 -25.87
C LEU B 6 -0.07 14.97 -25.29
N TYR B 7 -0.49 14.46 -24.12
CA TYR B 7 -1.60 15.09 -23.44
C TYR B 7 -1.21 16.50 -23.01
N LEU B 8 -1.82 17.51 -23.63
CA LEU B 8 -1.54 18.92 -23.30
C LEU B 8 -1.88 19.23 -21.84
N ASP B 14 -1.75 18.88 -11.53
CA ASP B 14 -1.27 17.96 -10.50
C ASP B 14 -2.01 16.63 -10.52
N SER B 15 -1.25 15.55 -10.58
CA SER B 15 -1.81 14.21 -10.55
C SER B 15 -1.11 13.42 -9.47
N GLN B 16 -1.83 12.46 -8.91
CA GLN B 16 -1.26 11.56 -7.94
C GLN B 16 -1.50 10.15 -8.46
N ILE B 17 -0.43 9.43 -8.75
CA ILE B 17 -0.56 8.06 -9.24
C ILE B 17 -0.36 7.13 -8.07
N GLN B 18 -1.40 6.38 -7.75
CA GLN B 18 -1.43 5.50 -6.60
C GLN B 18 -1.20 4.07 -7.06
N PHE B 19 -0.08 3.49 -6.66
CA PHE B 19 0.32 2.13 -7.08
C PHE B 19 -0.26 1.15 -6.05
N THR B 20 -1.36 0.52 -6.43
CA THR B 20 -2.18 -0.23 -5.47
C THR B 20 -1.50 -1.49 -4.94
N ARG B 21 -0.52 -2.05 -5.64
CA ARG B 21 0.25 -3.20 -5.12
C ARG B 21 1.67 -2.85 -4.71
N HIS B 22 2.00 -1.57 -4.61
CA HIS B 22 3.36 -1.19 -4.24
C HIS B 22 3.75 -1.69 -2.84
N ALA B 23 2.89 -1.48 -1.83
CA ALA B 23 3.28 -1.88 -0.49
C ALA B 23 3.54 -3.38 -0.42
N SER B 24 2.68 -4.17 -1.09
CA SER B 24 2.91 -5.61 -1.07
CA SER B 24 2.87 -5.62 -1.14
C SER B 24 4.17 -5.98 -1.87
N ASP B 25 4.49 -5.25 -2.94
CA ASP B 25 5.76 -5.51 -3.63
C ASP B 25 6.97 -5.17 -2.75
N VAL B 26 6.89 -4.07 -1.99
CA VAL B 26 8.00 -3.73 -1.08
C VAL B 26 8.17 -4.82 -0.03
N LEU B 27 7.07 -5.25 0.61
CA LEU B 27 7.18 -6.24 1.67
C LEU B 27 7.74 -7.55 1.14
N LEU B 28 7.34 -7.93 -0.08
CA LEU B 28 7.90 -9.14 -0.68
C LEU B 28 9.41 -8.99 -0.84
N ASN B 29 9.86 -7.85 -1.35
CA ASN B 29 11.30 -7.65 -1.47
C ASN B 29 12.00 -7.59 -0.13
N LEU B 30 11.36 -7.04 0.93
CA LEU B 30 11.98 -7.11 2.26
C LEU B 30 12.14 -8.56 2.69
N ASN B 31 11.16 -9.40 2.38
CA ASN B 31 11.31 -10.80 2.75
C ASN B 31 12.37 -11.50 1.92
N ARG B 32 12.54 -11.10 0.65
CA ARG B 32 13.59 -11.68 -0.18
C ARG B 32 14.97 -11.29 0.38
N LEU B 33 15.11 -10.04 0.84
CA LEU B 33 16.35 -9.63 1.48
C LEU B 33 16.62 -10.46 2.73
N ARG B 34 15.57 -10.67 3.55
CA ARG B 34 15.73 -11.49 4.75
C ARG B 34 16.17 -12.90 4.40
N SER B 35 15.58 -13.48 3.34
CA SER B 35 15.96 -14.84 2.97
C SER B 35 17.42 -14.95 2.53
N ARG B 36 17.97 -13.89 1.95
CA ARG B 36 19.35 -13.88 1.52
C ARG B 36 20.30 -13.28 2.56
N ASP B 37 19.76 -12.92 3.72
CA ASP B 37 20.54 -12.31 4.82
C ASP B 37 21.20 -11.01 4.37
N ILE B 38 20.49 -10.20 3.60
CA ILE B 38 21.01 -8.93 3.10
C ILE B 38 20.48 -7.78 3.97
N LEU B 39 21.41 -6.97 4.47
CA LEU B 39 21.15 -5.79 5.30
C LEU B 39 20.45 -6.13 6.60
N THR B 40 20.38 -7.40 6.98
CA THR B 40 19.87 -7.72 8.30
C THR B 40 20.80 -7.16 9.35
N ASP B 41 20.22 -6.60 10.40
CA ASP B 41 21.05 -5.89 11.36
C ASP B 41 20.81 -6.33 12.79
N VAL B 42 20.06 -7.41 12.98
CA VAL B 42 19.85 -7.92 14.32
C VAL B 42 19.61 -9.43 14.22
N VAL B 43 19.99 -10.15 15.25
CA VAL B 43 19.61 -11.54 15.43
C VAL B 43 18.78 -11.63 16.70
N ILE B 44 17.63 -12.29 16.59
CA ILE B 44 16.75 -12.52 17.74
C ILE B 44 17.01 -13.92 18.24
N VAL B 45 17.32 -14.07 19.53
CA VAL B 45 17.68 -15.37 20.09
C VAL B 45 16.51 -15.84 20.95
N VAL B 46 15.97 -17.01 20.61
CA VAL B 46 14.78 -17.56 21.25
C VAL B 46 15.13 -18.97 21.68
N SER B 47 15.46 -19.15 22.97
CA SER B 47 15.96 -20.41 23.50
C SER B 47 17.19 -20.78 22.70
N ARG B 48 17.26 -21.94 22.06
CA ARG B 48 18.47 -22.30 21.35
C ARG B 48 18.47 -21.84 19.89
N GLU B 49 17.48 -21.06 19.48
CA GLU B 49 17.26 -20.76 18.08
C GLU B 49 17.53 -19.30 17.76
N GLN B 50 18.06 -19.06 16.57
CA GLN B 50 18.43 -17.72 16.12
C GLN B 50 17.66 -17.33 14.85
N PHE B 51 17.25 -16.07 14.80
CA PHE B 51 16.46 -15.53 13.69
C PHE B 51 17.05 -14.18 13.29
N ARG B 52 17.58 -14.07 12.08
CA ARG B 52 18.09 -12.77 11.63
C ARG B 52 16.97 -11.98 10.98
N ALA B 53 16.97 -10.66 11.21
CA ALA B 53 15.89 -9.82 10.72
C ALA B 53 16.40 -8.40 10.55
N HIS B 54 15.49 -7.54 10.09
CA HIS B 54 15.69 -6.10 9.99
C HIS B 54 14.94 -5.41 11.14
N LYS B 55 15.67 -4.61 11.91
CA LYS B 55 15.06 -3.90 13.04
C LYS B 55 13.85 -3.10 12.60
N THR B 56 13.91 -2.46 11.43
CA THR B 56 12.80 -1.58 11.04
C THR B 56 11.53 -2.38 10.81
N VAL B 57 11.64 -3.58 10.21
CA VAL B 57 10.44 -4.40 10.04
C VAL B 57 9.92 -4.84 11.40
N LEU B 58 10.81 -5.30 12.29
CA LEU B 58 10.39 -5.74 13.63
C LEU B 58 9.66 -4.64 14.38
N MET B 59 10.22 -3.42 14.36
CA MET B 59 9.57 -2.38 15.09
C MET B 59 8.32 -1.87 14.39
N ALA B 60 8.22 -2.02 13.06
CA ALA B 60 6.96 -1.67 12.40
C ALA B 60 5.83 -2.57 12.85
N CYS B 61 6.11 -3.81 13.25
CA CYS B 61 5.07 -4.78 13.51
C CYS B 61 4.79 -5.05 14.97
N SER B 62 5.74 -4.80 15.87
CA SER B 62 5.66 -5.28 17.24
C SER B 62 5.88 -4.14 18.20
N GLY B 63 4.96 -4.01 19.16
CA GLY B 63 5.15 -3.04 20.22
C GLY B 63 6.39 -3.31 21.05
N LEU B 64 6.66 -4.59 21.32
CA LEU B 64 7.85 -4.93 22.09
C LEU B 64 9.11 -4.51 21.35
N PHE B 65 9.23 -4.87 20.07
CA PHE B 65 10.44 -4.50 19.35
C PHE B 65 10.51 -3.01 19.13
N TYR B 66 9.38 -2.32 18.95
CA TYR B 66 9.44 -0.87 18.89
C TYR B 66 10.06 -0.29 20.16
N SER B 67 9.67 -0.80 21.34
CA SER B 67 10.22 -0.27 22.59
C SER B 67 11.71 -0.59 22.70
N ILE B 68 12.10 -1.79 22.26
CA ILE B 68 13.50 -2.21 22.36
C ILE B 68 14.38 -1.36 21.46
N PHE B 69 13.97 -1.17 20.20
CA PHE B 69 14.82 -0.47 19.24
C PHE B 69 14.71 1.06 19.32
N THR B 70 13.88 1.61 20.19
CA THR B 70 13.90 3.04 20.53
C THR B 70 14.39 3.27 21.94
N ASP B 71 14.86 2.24 22.62
CA ASP B 71 15.43 2.38 23.95
C ASP B 71 16.90 2.78 23.79
N GLN B 72 17.23 3.99 24.26
CA GLN B 72 18.60 4.48 24.11
C GLN B 72 19.61 3.50 24.71
N LEU B 73 19.22 2.75 25.75
CA LEU B 73 20.16 1.84 26.41
C LEU B 73 20.50 0.62 25.55
N LYS B 74 19.67 0.29 24.57
CA LYS B 74 19.89 -0.85 23.70
C LYS B 74 20.24 -0.43 22.27
N ARG B 75 20.65 0.83 22.09
CA ARG B 75 20.93 1.36 20.75
C ARG B 75 22.05 0.62 20.05
N ASN B 76 23.00 0.07 20.80
CA ASN B 76 24.19 -0.57 20.25
C ASN B 76 24.03 -2.07 20.00
N LEU B 77 22.86 -2.67 20.23
CA LEU B 77 22.74 -4.11 20.33
C LEU B 77 22.34 -4.75 19.01
N SER B 78 23.17 -5.66 18.51
CA SER B 78 22.83 -6.45 17.33
C SER B 78 22.34 -7.84 17.70
N VAL B 79 22.26 -8.17 18.98
CA VAL B 79 21.75 -9.43 19.50
C VAL B 79 20.70 -9.11 20.56
N ILE B 80 19.50 -9.67 20.39
CA ILE B 80 18.38 -9.46 21.31
C ILE B 80 17.93 -10.82 21.81
N ASN B 81 17.96 -11.03 23.13
CA ASN B 81 17.51 -12.28 23.74
C ASN B 81 16.09 -12.11 24.25
N LEU B 82 15.17 -12.92 23.73
CA LEU B 82 13.79 -12.93 24.21
C LEU B 82 13.69 -13.77 25.48
N ASP B 83 12.61 -13.53 26.21
CA ASP B 83 12.32 -14.27 27.44
C ASP B 83 12.38 -15.78 27.17
N PRO B 84 12.94 -16.57 28.07
CA PRO B 84 13.09 -18.03 27.82
C PRO B 84 11.78 -18.79 27.73
N GLU B 85 10.66 -18.21 28.13
CA GLU B 85 9.37 -18.88 28.01
C GLU B 85 8.80 -18.83 26.60
N ILE B 86 9.39 -18.02 25.71
CA ILE B 86 8.84 -17.82 24.37
C ILE B 86 9.19 -19.05 23.53
N ASN B 87 8.20 -19.54 22.80
CA ASN B 87 8.38 -20.73 21.99
C ASN B 87 9.01 -20.32 20.66
N PRO B 88 10.16 -20.89 20.28
CA PRO B 88 10.74 -20.52 18.97
C PRO B 88 9.86 -20.85 17.77
N GLU B 89 9.02 -21.89 17.84
CA GLU B 89 8.17 -22.16 16.69
C GLU B 89 7.12 -21.07 16.54
N GLY B 90 6.54 -20.63 17.66
CA GLY B 90 5.61 -19.52 17.62
C GLY B 90 6.27 -18.25 17.14
N PHE B 91 7.50 -18.00 17.58
CA PHE B 91 8.18 -16.80 17.11
C PHE B 91 8.37 -16.85 15.58
N ASN B 92 8.79 -18.01 15.06
CA ASN B 92 9.02 -18.12 13.62
C ASN B 92 7.75 -17.84 12.84
N ILE B 93 6.60 -18.33 13.34
CA ILE B 93 5.33 -18.06 12.71
C ILE B 93 5.03 -16.57 12.66
N LEU B 94 5.29 -15.87 13.78
CA LEU B 94 5.01 -14.44 13.80
C LEU B 94 5.98 -13.65 12.95
N LEU B 95 7.25 -14.07 12.91
CA LEU B 95 8.24 -13.39 12.07
C LEU B 95 7.85 -13.53 10.61
N ASP B 96 7.44 -14.73 10.22
CA ASP B 96 6.97 -14.92 8.86
C ASP B 96 5.77 -14.05 8.58
N PHE B 97 4.81 -13.97 9.50
CA PHE B 97 3.70 -13.04 9.32
C PHE B 97 4.19 -11.60 9.07
N MET B 98 5.15 -11.14 9.85
CA MET B 98 5.60 -9.76 9.71
C MET B 98 6.04 -9.49 8.28
N TYR B 99 6.71 -10.45 7.67
CA TYR B 99 7.34 -10.28 6.36
C TYR B 99 6.48 -10.75 5.20
N THR B 100 5.30 -11.33 5.45
CA THR B 100 4.48 -11.91 4.39
C THR B 100 3.01 -11.53 4.43
N SER B 101 2.49 -11.00 5.55
CA SER B 101 1.08 -10.76 5.77
C SER B 101 0.30 -12.04 6.01
N ARG B 102 0.97 -13.19 6.13
CA ARG B 102 0.26 -14.46 6.27
C ARG B 102 0.62 -15.09 7.60
N LEU B 103 -0.43 -15.46 8.38
CA LEU B 103 -0.26 -16.09 9.66
C LEU B 103 -0.62 -17.58 9.51
N ASN B 104 0.36 -18.45 9.71
CA ASN B 104 0.16 -19.88 9.46
C ASN B 104 -0.29 -20.57 10.74
N LEU B 105 -1.46 -21.20 10.69
CA LEU B 105 -2.07 -21.83 11.88
C LEU B 105 -2.28 -23.32 11.63
N ARG B 106 -1.20 -24.09 11.75
CA ARG B 106 -1.38 -25.53 11.64
C ARG B 106 -2.06 -26.05 12.90
N GLU B 107 -2.61 -27.26 12.78
CA GLU B 107 -3.43 -27.82 13.84
C GLU B 107 -2.71 -27.79 15.18
N GLY B 108 -3.39 -27.27 16.19
CA GLY B 108 -2.89 -27.31 17.54
C GLY B 108 -1.94 -26.19 17.93
N ASN B 109 -1.52 -25.34 16.97
CA ASN B 109 -0.54 -24.29 17.21
C ASN B 109 -1.14 -22.96 17.68
N ILE B 110 -2.47 -22.83 17.74
CA ILE B 110 -3.06 -21.51 17.92
C ILE B 110 -2.67 -20.91 19.27
N MET B 111 -2.63 -21.71 20.35
CA MET B 111 -2.31 -21.12 21.65
C MET B 111 -0.85 -20.65 21.70
N ALA B 112 0.06 -21.41 21.08
CA ALA B 112 1.46 -21.00 21.05
C ALA B 112 1.63 -19.72 20.23
N VAL B 113 0.93 -19.63 19.09
CA VAL B 113 0.98 -18.42 18.29
C VAL B 113 0.36 -17.25 19.06
N MET B 114 -0.81 -17.47 19.68
CA MET B 114 -1.45 -16.38 20.42
C MET B 114 -0.54 -15.90 21.55
N ALA B 115 0.08 -16.84 22.27
CA ALA B 115 0.93 -16.46 23.40
C ALA B 115 2.16 -15.70 22.92
N THR B 116 2.71 -16.12 21.79
CA THR B 116 3.85 -15.40 21.22
C THR B 116 3.43 -13.99 20.82
N ALA B 117 2.27 -13.85 20.19
CA ALA B 117 1.78 -12.52 19.79
C ALA B 117 1.53 -11.65 21.00
N MET B 118 1.09 -12.24 22.11
CA MET B 118 0.87 -11.47 23.34
C MET B 118 2.21 -10.91 23.85
N TYR B 119 3.22 -11.76 23.91
CA TYR B 119 4.54 -11.34 24.37
C TYR B 119 5.12 -10.25 23.49
N LEU B 120 4.98 -10.39 22.16
CA LEU B 120 5.47 -9.41 21.19
C LEU B 120 4.62 -8.15 21.14
N GLN B 121 3.54 -8.10 21.91
CA GLN B 121 2.61 -6.98 21.97
C GLN B 121 2.11 -6.65 20.56
N MET B 122 1.54 -7.66 19.92
CA MET B 122 0.96 -7.51 18.59
C MET B 122 -0.54 -7.71 18.75
N GLU B 123 -1.23 -6.65 19.22
CA GLU B 123 -2.59 -6.82 19.74
C GLU B 123 -3.60 -7.12 18.65
N HIS B 124 -3.43 -6.60 17.44
CA HIS B 124 -4.35 -6.95 16.37
C HIS B 124 -4.22 -8.43 15.99
N VAL B 125 -2.99 -8.96 16.01
CA VAL B 125 -2.84 -10.41 15.80
C VAL B 125 -3.46 -11.18 16.96
N VAL B 126 -3.26 -10.72 18.21
CA VAL B 126 -3.91 -11.41 19.33
C VAL B 126 -5.42 -11.43 19.14
N ASP B 127 -5.99 -10.30 18.71
CA ASP B 127 -7.44 -10.22 18.53
C ASP B 127 -7.90 -11.20 17.45
N THR B 128 -7.15 -11.29 16.36
CA THR B 128 -7.50 -12.25 15.30
C THR B 128 -7.43 -13.68 15.81
N CYS B 129 -6.44 -14.00 16.66
CA CYS B 129 -6.34 -15.32 17.26
C CYS B 129 -7.53 -15.61 18.18
N ARG B 130 -7.97 -14.61 18.96
CA ARG B 130 -9.14 -14.81 19.81
C ARG B 130 -10.36 -15.16 18.98
N LYS B 131 -10.56 -14.46 17.86
CA LYS B 131 -11.68 -14.76 16.97
C LYS B 131 -11.53 -16.15 16.37
N PHE B 132 -10.30 -16.48 15.98
CA PHE B 132 -10.06 -17.79 15.34
C PHE B 132 -10.37 -18.92 16.31
N ILE B 133 -9.85 -18.84 17.54
CA ILE B 133 -9.88 -19.98 18.43
C ILE B 133 -11.32 -20.30 18.85
N LYS B 134 -12.18 -19.30 18.91
CA LYS B 134 -13.56 -19.57 19.29
C LYS B 134 -14.47 -19.89 18.10
N ALA B 135 -13.93 -19.91 16.87
CA ALA B 135 -14.70 -20.34 15.70
C ALA B 135 -14.30 -21.74 15.22
N ILE C 7 -17.61 -31.62 -2.74
CA ILE C 7 -18.46 -31.11 -3.82
C ILE C 7 -17.84 -31.41 -5.20
N PHE C 8 -18.55 -31.03 -6.26
CA PHE C 8 -18.08 -31.22 -7.62
C PHE C 8 -17.92 -29.87 -8.31
N ARG C 9 -17.09 -29.86 -9.36
CA ARG C 9 -16.83 -28.66 -10.13
C ARG C 9 -17.05 -28.95 -11.60
N ALA C 10 -17.76 -28.05 -12.30
CA ALA C 10 -17.98 -28.23 -13.73
C ALA C 10 -16.70 -27.94 -14.52
N MET C 11 -16.38 -28.82 -15.48
CA MET C 11 -15.22 -28.67 -16.34
C MET C 11 -15.55 -28.04 -17.69
N TYR C 12 -16.83 -28.00 -18.07
CA TYR C 12 -17.25 -27.40 -19.32
C TYR C 12 -18.60 -26.73 -19.10
N ASP C 13 -18.94 -25.81 -20.00
CA ASP C 13 -20.29 -25.29 -20.06
C ASP C 13 -21.23 -26.39 -20.55
N TYR C 14 -22.45 -26.40 -20.01
CA TYR C 14 -23.47 -27.32 -20.49
C TYR C 14 -24.81 -26.60 -20.56
N MET C 15 -25.56 -26.83 -21.64
CA MET C 15 -26.91 -26.31 -21.77
C MET C 15 -27.89 -27.46 -21.60
N ALA C 16 -28.75 -27.34 -20.58
CA ALA C 16 -29.84 -28.29 -20.38
C ALA C 16 -30.60 -28.55 -21.68
N ALA C 17 -30.75 -29.83 -22.01
CA ALA C 17 -31.46 -30.22 -23.22
C ALA C 17 -32.96 -30.27 -23.02
N ASP C 18 -33.40 -30.40 -21.78
CA ASP C 18 -34.81 -30.38 -21.41
C ASP C 18 -34.91 -29.84 -19.98
N ALA C 19 -36.16 -29.60 -19.56
CA ALA C 19 -36.42 -28.96 -18.28
C ALA C 19 -35.93 -29.78 -17.08
N ASP C 20 -35.69 -31.08 -17.23
CA ASP C 20 -35.21 -31.88 -16.11
C ASP C 20 -33.69 -31.89 -16.00
N GLU C 21 -33.00 -31.31 -16.97
CA GLU C 21 -31.56 -31.12 -16.88
C GLU C 21 -31.26 -29.75 -16.29
N VAL C 22 -30.03 -29.56 -15.86
CA VAL C 22 -29.55 -28.25 -15.42
C VAL C 22 -28.48 -27.77 -16.38
N SER C 23 -28.40 -26.45 -16.53
CA SER C 23 -27.34 -25.77 -17.26
C SER C 23 -26.31 -25.25 -16.27
N PHE C 24 -25.07 -25.15 -16.73
CA PHE C 24 -24.02 -24.63 -15.87
C PHE C 24 -22.85 -24.19 -16.73
N LYS C 25 -21.95 -23.44 -16.11
CA LYS C 25 -20.76 -22.94 -16.79
C LYS C 25 -19.52 -23.61 -16.22
N ASP C 26 -18.50 -23.74 -17.08
CA ASP C 26 -17.20 -24.22 -16.65
C ASP C 26 -16.79 -23.57 -15.33
N GLY C 27 -16.41 -24.41 -14.37
CA GLY C 27 -15.98 -23.92 -13.07
C GLY C 27 -17.06 -23.79 -12.02
N ASP C 28 -18.34 -23.93 -12.40
CA ASP C 28 -19.40 -23.91 -11.42
C ASP C 28 -19.23 -25.02 -10.40
N ALA C 29 -19.62 -24.73 -9.15
CA ALA C 29 -19.70 -25.74 -8.10
C ALA C 29 -21.05 -26.43 -8.17
N ILE C 30 -21.03 -27.75 -8.14
CA ILE C 30 -22.25 -28.55 -8.19
C ILE C 30 -22.33 -29.34 -6.90
N ILE C 31 -23.42 -29.19 -6.17
CA ILE C 31 -23.48 -29.67 -4.79
C ILE C 31 -24.60 -30.69 -4.64
N ASN C 32 -24.52 -31.46 -3.55
CA ASN C 32 -25.52 -32.48 -3.22
C ASN C 32 -25.70 -33.48 -4.37
N VAL C 33 -24.58 -33.95 -4.91
CA VAL C 33 -24.57 -34.76 -6.12
C VAL C 33 -24.87 -36.22 -5.81
N GLN C 34 -25.48 -36.91 -6.77
CA GLN C 34 -25.86 -38.30 -6.63
C GLN C 34 -25.75 -38.97 -8.00
N ALA C 35 -25.20 -40.19 -8.04
CA ALA C 35 -25.09 -40.90 -9.32
C ALA C 35 -26.41 -41.58 -9.66
N ILE C 36 -26.92 -41.32 -10.85
CA ILE C 36 -28.07 -42.03 -11.37
C ILE C 36 -27.65 -43.28 -12.12
N ASP C 37 -26.65 -43.14 -12.99
CA ASP C 37 -25.88 -44.25 -13.53
C ASP C 37 -24.46 -43.75 -13.77
N GLU C 38 -23.67 -44.54 -14.49
CA GLU C 38 -22.29 -44.15 -14.76
C GLU C 38 -22.19 -43.10 -15.86
N GLY C 39 -23.32 -42.63 -16.40
CA GLY C 39 -23.31 -41.53 -17.33
C GLY C 39 -23.94 -40.26 -16.79
N TRP C 40 -24.74 -40.36 -15.73
CA TRP C 40 -25.60 -39.25 -15.33
C TRP C 40 -25.59 -39.06 -13.83
N MET C 41 -25.55 -37.81 -13.41
CA MET C 41 -25.62 -37.43 -12.00
C MET C 41 -26.78 -36.46 -11.80
N TYR C 42 -27.21 -36.34 -10.55
CA TYR C 42 -28.29 -35.43 -10.16
C TYR C 42 -27.74 -34.52 -9.07
N GLY C 43 -27.86 -33.21 -9.28
CA GLY C 43 -27.28 -32.31 -8.31
C GLY C 43 -27.77 -30.89 -8.50
N THR C 44 -27.21 -30.00 -7.69
CA THR C 44 -27.62 -28.60 -7.67
C THR C 44 -26.48 -27.71 -8.14
N VAL C 45 -26.80 -26.81 -9.05
CA VAL C 45 -25.85 -25.79 -9.49
C VAL C 45 -25.91 -24.67 -8.47
N GLN C 46 -24.82 -24.52 -7.69
CA GLN C 46 -24.86 -23.63 -6.54
C GLN C 46 -25.10 -22.18 -6.96
N ARG C 47 -24.53 -21.77 -8.09
CA ARG C 47 -24.66 -20.38 -8.54
C ARG C 47 -26.11 -20.01 -8.86
N THR C 48 -26.85 -20.94 -9.48
CA THR C 48 -28.22 -20.64 -9.89
C THR C 48 -29.27 -21.23 -8.97
N GLY C 49 -28.90 -22.16 -8.09
CA GLY C 49 -29.86 -22.88 -7.29
C GLY C 49 -30.69 -23.94 -8.01
N ARG C 50 -30.45 -24.17 -9.30
CA ARG C 50 -31.23 -25.14 -10.05
C ARG C 50 -30.75 -26.56 -9.75
N THR C 51 -31.70 -27.49 -9.61
CA THR C 51 -31.41 -28.89 -9.30
C THR C 51 -31.93 -29.79 -10.42
N GLY C 52 -31.10 -30.73 -10.87
CA GLY C 52 -31.56 -31.64 -11.91
C GLY C 52 -30.45 -32.53 -12.44
N MET C 53 -30.71 -33.14 -13.60
CA MET C 53 -29.80 -34.10 -14.20
C MET C 53 -28.67 -33.39 -14.94
N LEU C 54 -27.47 -33.96 -14.86
CA LEU C 54 -26.31 -33.41 -15.57
C LEU C 54 -25.42 -34.57 -16.00
N PRO C 55 -24.70 -34.42 -17.11
CA PRO C 55 -23.84 -35.52 -17.56
C PRO C 55 -22.60 -35.66 -16.67
N ALA C 56 -22.33 -36.90 -16.28
CA ALA C 56 -21.28 -37.18 -15.30
C ALA C 56 -19.91 -36.73 -15.79
N ASN C 57 -19.63 -36.90 -17.09
CA ASN C 57 -18.30 -36.56 -17.60
C ASN C 57 -18.03 -35.06 -17.62
N TYR C 58 -19.02 -34.21 -17.34
CA TYR C 58 -18.83 -32.76 -17.33
C TYR C 58 -18.35 -32.22 -15.98
N VAL C 59 -18.26 -33.05 -14.94
CA VAL C 59 -17.91 -32.60 -13.61
C VAL C 59 -16.79 -33.47 -13.06
N GLU C 60 -15.99 -32.89 -12.16
CA GLU C 60 -14.94 -33.63 -11.47
C GLU C 60 -15.11 -33.43 -9.96
N ALA C 61 -14.90 -34.50 -9.20
CA ALA C 61 -14.95 -34.40 -7.74
C ALA C 61 -13.75 -33.62 -7.23
N ILE C 62 -14.00 -32.72 -6.28
CA ILE C 62 -12.93 -31.96 -5.63
C ILE C 62 -12.50 -32.70 -4.38
N GLY C 63 -11.21 -33.06 -4.31
CA GLY C 63 -10.71 -33.74 -3.14
C GLY C 63 -10.72 -32.85 -1.92
N GLY C 64 -10.89 -33.48 -0.76
CA GLY C 64 -10.98 -32.78 0.50
C GLY C 64 -9.63 -32.66 1.19
N GLY C 65 -9.67 -32.16 2.42
CA GLY C 65 -8.48 -32.08 3.24
C GLY C 65 -7.65 -30.84 3.05
N GLY C 66 -8.15 -29.83 2.35
CA GLY C 66 -7.36 -28.64 2.11
C GLY C 66 -7.27 -27.74 3.33
N ILE C 67 -6.33 -26.83 3.28
CA ILE C 67 -6.24 -25.81 4.32
C ILE C 67 -7.31 -24.76 4.09
N THR C 68 -7.68 -24.09 5.17
CA THR C 68 -8.68 -23.02 5.13
C THR C 68 -7.95 -21.69 5.07
N THR C 69 -8.33 -20.84 4.13
CA THR C 69 -7.76 -19.52 3.98
C THR C 69 -8.77 -18.50 4.48
N ILE C 70 -8.32 -17.60 5.36
CA ILE C 70 -9.18 -16.64 6.03
C ILE C 70 -8.60 -15.27 5.73
N LYS C 71 -9.41 -14.39 5.15
CA LYS C 71 -8.96 -13.03 4.86
C LYS C 71 -9.36 -12.10 5.99
N GLU C 72 -8.39 -11.37 6.51
CA GLU C 72 -8.62 -10.41 7.59
C GLU C 72 -8.31 -9.01 7.02
N MET C 73 -9.32 -8.15 6.99
CA MET C 73 -9.17 -6.83 6.38
C MET C 73 -8.91 -5.72 7.39
N GLY C 74 -8.91 -6.00 8.67
CA GLY C 74 -8.64 -4.97 9.65
C GLY C 74 -7.16 -4.67 9.75
N ARG C 75 -6.86 -3.55 10.41
CA ARG C 75 -5.48 -3.20 10.70
C ARG C 75 -4.75 -4.36 11.39
N SER C 76 -3.52 -4.61 10.93
CA SER C 76 -2.79 -5.82 11.32
C SER C 76 -1.81 -5.59 12.45
N ILE C 77 -1.37 -4.34 12.65
CA ILE C 77 -0.23 -3.99 13.50
C ILE C 77 -0.50 -2.61 14.10
N HIS C 78 0.28 -2.27 15.13
CA HIS C 78 0.18 -0.95 15.72
C HIS C 78 0.59 0.12 14.69
N GLU C 79 0.11 1.34 14.95
CA GLU C 79 0.50 2.49 14.15
C GLU C 79 1.56 3.27 14.89
N ILE C 80 2.63 3.61 14.20
CA ILE C 80 3.69 4.41 14.82
C ILE C 80 3.26 5.85 14.65
N PRO C 81 3.17 6.62 15.73
CA PRO C 81 2.69 7.99 15.62
C PRO C 81 3.71 8.88 14.91
N ARG C 82 3.20 9.94 14.30
CA ARG C 82 4.04 10.93 13.61
C ARG C 82 4.83 11.79 14.60
N GLY D 1 -13.74 23.62 -26.02
CA GLY D 1 -14.55 22.89 -25.06
C GLY D 1 -14.48 23.55 -23.70
N PRO D 2 -15.28 23.08 -22.75
CA PRO D 2 -15.26 23.70 -21.42
C PRO D 2 -13.92 23.48 -20.77
N THR D 3 -13.59 24.39 -19.85
CA THR D 3 -12.31 24.35 -19.17
C THR D 3 -12.53 24.52 -17.66
N ALA D 4 -11.54 24.08 -16.89
CA ALA D 4 -11.54 24.35 -15.46
C ALA D 4 -11.47 25.86 -15.24
N GLY D 5 -12.31 26.36 -14.35
CA GLY D 5 -12.30 27.77 -14.05
C GLY D 5 -12.05 28.07 -12.60
N LYS D 6 -12.23 29.32 -12.21
CA LYS D 6 -12.07 29.65 -10.81
C LYS D 6 -13.05 30.75 -10.47
N ILE D 7 -13.54 30.69 -9.24
CA ILE D 7 -14.49 31.67 -8.73
C ILE D 7 -13.98 32.20 -7.40
N PHE D 8 -14.65 33.21 -6.90
CA PHE D 8 -14.25 33.89 -5.69
C PHE D 8 -15.33 33.83 -4.62
N ARG D 9 -14.93 33.63 -3.36
CA ARG D 9 -15.87 33.44 -2.26
C ARG D 9 -15.37 34.20 -1.04
N ALA D 10 -16.25 34.96 -0.40
CA ALA D 10 -15.86 35.66 0.82
C ALA D 10 -15.57 34.66 1.93
N MET D 11 -14.55 34.97 2.75
CA MET D 11 -14.18 34.15 3.89
C MET D 11 -14.65 34.73 5.23
N TYR D 12 -14.93 36.03 5.27
CA TYR D 12 -15.32 36.70 6.49
C TYR D 12 -16.38 37.74 6.16
N ASP D 13 -17.15 38.10 7.19
CA ASP D 13 -18.06 39.24 7.11
C ASP D 13 -17.27 40.53 6.94
N TYR D 14 -17.84 41.47 6.19
CA TYR D 14 -17.24 42.79 6.05
C TYR D 14 -18.34 43.83 5.92
N MET D 15 -18.22 44.95 6.65
CA MET D 15 -19.13 46.07 6.45
C MET D 15 -18.40 47.17 5.68
N ALA D 16 -19.04 47.67 4.63
CA ALA D 16 -18.43 48.69 3.78
C ALA D 16 -18.06 49.92 4.59
N ALA D 17 -16.88 50.48 4.32
CA ALA D 17 -16.45 51.71 4.95
C ALA D 17 -16.73 52.96 4.11
N ASP D 18 -17.07 52.82 2.82
CA ASP D 18 -17.49 54.00 2.05
C ASP D 18 -18.48 53.60 0.96
N ALA D 19 -19.04 54.63 0.31
CA ALA D 19 -20.06 54.39 -0.69
C ALA D 19 -19.54 53.60 -1.87
N ASP D 20 -18.22 53.60 -2.10
CA ASP D 20 -17.69 52.80 -3.21
C ASP D 20 -17.37 51.36 -2.84
N GLU D 21 -17.46 51.00 -1.55
CA GLU D 21 -17.25 49.61 -1.15
C GLU D 21 -18.60 48.89 -1.04
N VAL D 22 -18.52 47.56 -0.95
CA VAL D 22 -19.72 46.77 -0.69
C VAL D 22 -19.54 45.94 0.57
N SER D 23 -20.66 45.67 1.24
CA SER D 23 -20.69 44.74 2.36
C SER D 23 -21.00 43.33 1.89
N PHE D 24 -20.53 42.36 2.66
CA PHE D 24 -20.77 40.96 2.35
C PHE D 24 -20.63 40.11 3.61
N LYS D 25 -20.97 38.84 3.48
CA LYS D 25 -20.90 37.91 4.58
C LYS D 25 -20.04 36.73 4.19
N ASP D 26 -19.43 36.11 5.20
CA ASP D 26 -18.72 34.84 5.05
C ASP D 26 -19.53 33.88 4.18
N GLY D 27 -18.90 33.38 3.11
CA GLY D 27 -19.51 32.46 2.18
C GLY D 27 -20.14 33.09 0.94
N ASP D 28 -20.29 34.41 0.90
CA ASP D 28 -20.87 35.06 -0.27
C ASP D 28 -20.05 34.82 -1.54
N ALA D 29 -20.74 34.49 -2.61
CA ALA D 29 -20.12 34.47 -3.93
C ALA D 29 -19.83 35.89 -4.40
N ILE D 30 -18.61 36.13 -4.86
CA ILE D 30 -18.16 37.41 -5.39
C ILE D 30 -17.94 37.19 -6.88
N ILE D 31 -18.75 37.84 -7.71
CA ILE D 31 -18.85 37.48 -9.12
C ILE D 31 -18.42 38.63 -10.02
N ASN D 32 -18.19 38.31 -11.30
CA ASN D 32 -17.86 39.28 -12.35
C ASN D 32 -16.76 40.24 -11.89
N VAL D 33 -15.69 39.66 -11.37
CA VAL D 33 -14.60 40.47 -10.80
C VAL D 33 -13.88 41.20 -11.93
N GLN D 34 -13.78 42.53 -11.82
CA GLN D 34 -13.16 43.34 -12.86
C GLN D 34 -11.65 43.46 -12.71
N ALA D 35 -11.15 43.43 -11.49
CA ALA D 35 -9.72 43.60 -11.26
C ALA D 35 -9.41 43.29 -9.81
N ILE D 36 -8.15 42.93 -9.59
CA ILE D 36 -7.58 42.76 -8.27
C ILE D 36 -6.27 43.53 -8.26
N ASP D 37 -6.10 44.41 -7.28
CA ASP D 37 -4.92 45.25 -7.26
C ASP D 37 -4.63 45.71 -5.84
N GLU D 38 -3.48 45.29 -5.30
CA GLU D 38 -2.90 45.87 -4.09
C GLU D 38 -3.87 45.81 -2.90
N GLY D 39 -4.44 44.63 -2.66
CA GLY D 39 -5.30 44.42 -1.52
C GLY D 39 -6.75 44.77 -1.72
N TRP D 40 -7.14 45.23 -2.90
CA TRP D 40 -8.53 45.55 -3.19
C TRP D 40 -8.94 44.88 -4.48
N MET D 41 -10.22 44.53 -4.57
CA MET D 41 -10.76 43.99 -5.81
C MET D 41 -12.10 44.64 -6.08
N TYR D 42 -12.48 44.70 -7.34
CA TYR D 42 -13.76 45.25 -7.75
C TYR D 42 -14.63 44.11 -8.28
N GLY D 43 -15.81 43.94 -7.69
CA GLY D 43 -16.65 42.80 -8.00
C GLY D 43 -18.05 43.02 -7.48
N THR D 44 -18.89 42.00 -7.69
CA THR D 44 -20.30 42.03 -7.37
C THR D 44 -20.59 40.99 -6.31
N VAL D 45 -21.26 41.37 -5.22
CA VAL D 45 -21.67 40.31 -4.31
C VAL D 45 -23.00 39.77 -4.83
N GLN D 46 -23.01 38.49 -5.19
CA GLN D 46 -24.14 37.94 -5.92
C GLN D 46 -25.42 37.99 -5.09
N ARG D 47 -25.32 37.76 -3.78
CA ARG D 47 -26.51 37.71 -2.92
C ARG D 47 -27.27 39.03 -2.93
N THR D 48 -26.55 40.14 -2.97
CA THR D 48 -27.20 41.45 -2.89
C THR D 48 -27.24 42.20 -4.21
N GLY D 49 -26.53 41.72 -5.23
CA GLY D 49 -26.38 42.46 -6.47
C GLY D 49 -25.54 43.71 -6.41
N ARG D 50 -24.98 44.08 -5.26
CA ARG D 50 -24.23 45.32 -5.16
C ARG D 50 -22.81 45.15 -5.66
N THR D 51 -22.33 46.15 -6.38
CA THR D 51 -21.04 46.10 -7.03
C THR D 51 -20.15 47.21 -6.48
N GLY D 52 -18.90 46.87 -6.21
CA GLY D 52 -17.96 47.85 -5.73
C GLY D 52 -16.66 47.23 -5.29
N MET D 53 -15.97 47.95 -4.42
CA MET D 53 -14.64 47.59 -3.95
C MET D 53 -14.73 46.73 -2.71
N LEU D 54 -13.94 45.67 -2.67
CA LEU D 54 -13.87 44.69 -1.59
C LEU D 54 -12.41 44.52 -1.17
N PRO D 55 -12.13 44.34 0.11
CA PRO D 55 -10.77 43.99 0.53
C PRO D 55 -10.39 42.58 0.08
N ALA D 56 -9.30 42.48 -0.68
CA ALA D 56 -8.98 41.20 -1.32
C ALA D 56 -8.60 40.13 -0.31
N ASN D 57 -8.08 40.54 0.85
CA ASN D 57 -7.71 39.58 1.87
C ASN D 57 -8.91 38.96 2.56
N TYR D 58 -10.13 39.44 2.28
CA TYR D 58 -11.34 38.80 2.78
C TYR D 58 -11.92 37.77 1.82
N VAL D 59 -11.32 37.56 0.65
CA VAL D 59 -11.91 36.64 -0.31
C VAL D 59 -10.88 35.65 -0.82
N GLU D 60 -11.34 34.43 -1.08
CA GLU D 60 -10.51 33.35 -1.56
C GLU D 60 -10.94 32.91 -2.94
N ALA D 61 -10.00 32.37 -3.71
CA ALA D 61 -10.27 31.80 -5.02
C ALA D 61 -10.46 30.30 -4.86
N ILE D 62 -11.43 29.75 -5.59
CA ILE D 62 -11.69 28.31 -5.56
C ILE D 62 -11.80 27.82 -7.00
N GLY D 63 -11.18 26.67 -7.28
CA GLY D 63 -11.32 26.05 -8.59
C GLY D 63 -10.05 25.43 -9.13
N GLY D 64 -9.80 25.56 -10.44
CA GLY D 64 -8.65 24.94 -11.04
C GLY D 64 -8.84 23.44 -11.17
N GLY D 65 -7.76 22.79 -11.57
CA GLY D 65 -7.82 21.35 -11.86
C GLY D 65 -7.78 20.46 -10.63
N GLY D 66 -7.34 20.96 -9.49
CA GLY D 66 -7.22 20.10 -8.33
C GLY D 66 -6.14 19.04 -8.56
N ILE D 67 -6.14 18.04 -7.69
CA ILE D 67 -5.20 16.93 -7.77
C ILE D 67 -5.99 15.67 -8.04
N THR D 68 -5.83 15.11 -9.25
CA THR D 68 -6.59 13.94 -9.65
C THR D 68 -5.80 12.68 -9.30
N THR D 69 -6.47 11.72 -8.67
CA THR D 69 -5.86 10.45 -8.33
C THR D 69 -6.12 9.43 -9.43
N ILE D 70 -5.03 8.84 -9.93
CA ILE D 70 -5.07 7.77 -10.91
C ILE D 70 -4.55 6.51 -10.23
N LYS D 71 -5.23 5.39 -10.44
CA LYS D 71 -4.77 4.13 -9.87
C LYS D 71 -3.97 3.32 -10.89
N GLU D 72 -2.83 2.81 -10.47
CA GLU D 72 -2.02 1.88 -11.26
C GLU D 72 -1.97 0.54 -10.55
N MET D 73 -2.40 -0.54 -11.21
CA MET D 73 -2.49 -1.83 -10.55
C MET D 73 -1.35 -2.77 -10.91
N GLY D 74 -0.44 -2.34 -11.77
CA GLY D 74 0.66 -3.21 -12.15
C GLY D 74 1.77 -3.23 -11.09
N ARG D 75 2.70 -4.17 -11.26
CA ARG D 75 3.88 -4.21 -10.40
C ARG D 75 4.61 -2.87 -10.42
N SER D 76 4.98 -2.38 -9.23
CA SER D 76 5.50 -1.02 -9.13
C SER D 76 7.02 -0.93 -9.16
N ILE D 77 7.72 -2.02 -8.84
CA ILE D 77 9.15 -2.01 -8.57
C ILE D 77 9.71 -3.35 -9.05
N HIS D 78 11.03 -3.41 -9.17
CA HIS D 78 11.68 -4.66 -9.50
C HIS D 78 11.41 -5.70 -8.41
N GLU D 79 11.50 -6.95 -8.79
CA GLU D 79 11.39 -8.06 -7.86
C GLU D 79 12.79 -8.57 -7.53
N ILE D 80 13.11 -8.67 -6.25
CA ILE D 80 14.39 -9.22 -5.84
C ILE D 80 14.30 -10.74 -5.94
N PRO D 81 15.24 -11.40 -6.62
CA PRO D 81 15.13 -12.84 -6.78
C PRO D 81 15.30 -13.59 -5.46
N ARG D 82 14.61 -14.72 -5.37
CA ARG D 82 14.73 -15.59 -4.20
C ARG D 82 15.93 -16.53 -4.31
NA NA E . 15.44 17.40 1.88
#